data_2RFF
#
_entry.id   2RFF
#
_cell.length_a   25.007
_cell.length_b   29.884
_cell.length_c   35.202
_cell.angle_alpha   77.240
_cell.angle_beta   73.720
_cell.angle_gamma   78.300
#
_symmetry.space_group_name_H-M   'P 1'
#
loop_
_entity.id
_entity.type
_entity.pdbx_description
1 polymer 'Putative nucleotidyltransferase'
2 non-polymer 1,2-ETHANEDIOL
3 water water
#
_entity_poly.entity_id   1
_entity_poly.type   'polypeptide(L)'
_entity_poly.pdbx_seq_one_letter_code
;G(MSE)GKGKSAIESQIR(MSE)LKLAKEIVEEVASSFPNLEEVYIFGSRARGDYLDTSDIDILFVFKGIKE(MSE)NVF
DR(MSE)Y(MSE)VSRFIRGNVDYIVLDEGEKDRVKDKVLFWKREKGFVLL
;
_entity_poly.pdbx_strand_id   A
#
# COMPACT_ATOMS: atom_id res chain seq x y z
N GLY A 1 -0.45 5.48 -27.56
CA GLY A 1 -1.73 5.94 -26.94
C GLY A 1 -2.10 4.99 -25.83
N GLY A 3 -2.46 2.49 -23.69
CA GLY A 3 -1.95 1.15 -23.50
C GLY A 3 -2.76 0.30 -22.53
N LYS A 4 -3.55 0.93 -21.66
CA LYS A 4 -4.45 0.25 -20.71
CA LYS A 4 -4.45 0.23 -20.72
C LYS A 4 -5.88 0.45 -21.21
N GLY A 5 -6.66 -0.62 -21.24
CA GLY A 5 -8.02 -0.56 -21.66
C GLY A 5 -8.90 -0.15 -20.52
N LYS A 6 -10.18 -0.07 -20.83
CA LYS A 6 -11.21 0.37 -19.89
C LYS A 6 -11.31 -0.49 -18.63
N SER A 7 -11.21 -1.81 -18.78
CA SER A 7 -11.36 -2.71 -17.65
C SER A 7 -10.17 -2.58 -16.71
N ALA A 8 -8.96 -2.48 -17.26
CA ALA A 8 -7.75 -2.32 -16.44
C ALA A 8 -7.79 -0.99 -15.68
N ILE A 9 -8.14 0.10 -16.38
CA ILE A 9 -8.23 1.44 -15.75
C ILE A 9 -9.29 1.47 -14.64
N GLU A 10 -10.49 0.92 -14.89
CA GLU A 10 -11.54 0.87 -13.86
CA GLU A 10 -11.58 0.81 -13.89
C GLU A 10 -11.08 0.08 -12.63
N SER A 11 -10.34 -1.03 -12.85
CA SER A 11 -9.81 -1.83 -11.75
C SER A 11 -8.78 -1.05 -10.97
N GLN A 12 -7.97 -0.23 -11.65
CA GLN A 12 -6.94 0.59 -10.96
C GLN A 12 -7.63 1.60 -10.01
N ILE A 13 -8.66 2.26 -10.52
CA ILE A 13 -9.44 3.22 -9.74
C ILE A 13 -10.08 2.53 -8.54
N ARG A 14 -10.77 1.42 -8.77
CA ARG A 14 -11.40 0.67 -7.72
C ARG A 14 -10.42 0.16 -6.64
N LEU A 16 -7.34 1.35 -5.93
CA LEU A 16 -6.75 2.50 -5.22
C LEU A 16 -7.75 3.00 -4.18
N LYS A 17 -9.04 3.02 -4.51
CA LYS A 17 -10.05 3.45 -3.57
CA LYS A 17 -10.11 3.40 -3.59
C LYS A 17 -10.18 2.47 -2.38
N LEU A 18 -10.08 1.16 -2.63
CA LEU A 18 -10.07 0.17 -1.56
C LEU A 18 -8.83 0.36 -0.68
N ALA A 19 -7.63 0.55 -1.26
CA ALA A 19 -6.39 0.80 -0.52
C ALA A 19 -6.56 2.05 0.35
N LYS A 20 -7.19 3.11 -0.19
CA LYS A 20 -7.46 4.33 0.59
CA LYS A 20 -7.45 4.33 0.57
C LYS A 20 -8.28 4.03 1.84
N GLU A 21 -9.38 3.28 1.68
CA GLU A 21 -10.24 2.92 2.81
C GLU A 21 -9.45 2.16 3.88
N ILE A 22 -8.65 1.19 3.44
CA ILE A 22 -7.85 0.39 4.37
C ILE A 22 -6.86 1.30 5.11
N VAL A 23 -6.18 2.17 4.35
CA VAL A 23 -5.16 3.09 4.95
C VAL A 23 -5.81 4.06 5.94
N GLU A 24 -6.99 4.58 5.61
CA GLU A 24 -7.72 5.47 6.53
C GLU A 24 -7.94 4.82 7.89
N GLU A 25 -8.30 3.55 7.87
CA GLU A 25 -8.56 2.81 9.08
C GLU A 25 -7.29 2.56 9.87
N VAL A 26 -6.26 2.05 9.18
CA VAL A 26 -4.93 1.80 9.80
C VAL A 26 -4.29 3.09 10.34
N ALA A 27 -4.32 4.16 9.56
CA ALA A 27 -3.74 5.45 9.97
C ALA A 27 -4.45 6.03 11.23
N SER A 28 -5.75 5.80 11.34
CA SER A 28 -6.54 6.26 12.52
CA SER A 28 -6.55 6.25 12.51
C SER A 28 -6.26 5.41 13.76
N SER A 29 -5.79 4.17 13.54
CA SER A 29 -5.54 3.21 14.59
C SER A 29 -4.13 3.20 15.18
N PHE A 30 -3.11 3.64 14.41
CA PHE A 30 -1.74 3.63 14.80
C PHE A 30 -1.10 4.97 14.54
N PRO A 31 -0.89 5.77 15.61
CA PRO A 31 -0.18 7.05 15.48
C PRO A 31 1.20 6.92 14.84
N ASN A 32 1.84 5.76 14.99
CA ASN A 32 3.17 5.47 14.42
C ASN A 32 3.18 5.02 12.93
N LEU A 33 2.02 4.85 12.30
CA LEU A 33 1.99 4.63 10.84
C LEU A 33 2.48 5.94 10.23
N GLU A 34 3.51 5.84 9.40
CA GLU A 34 4.17 7.02 8.83
C GLU A 34 3.99 7.18 7.34
N GLU A 35 4.09 6.09 6.60
CA GLU A 35 3.98 6.09 5.15
C GLU A 35 3.31 4.82 4.70
N VAL A 36 2.64 4.93 3.56
CA VAL A 36 2.11 3.75 2.88
C VAL A 36 2.52 3.87 1.42
N TYR A 37 2.96 2.75 0.86
CA TYR A 37 3.29 2.67 -0.55
C TYR A 37 2.41 1.60 -1.22
N ILE A 38 2.18 1.81 -2.52
CA ILE A 38 1.69 0.76 -3.39
C ILE A 38 2.95 0.15 -4.06
N PHE A 39 3.08 -1.17 -4.02
CA PHE A 39 4.14 -1.87 -4.72
C PHE A 39 3.51 -2.88 -5.66
N GLY A 40 4.36 -3.64 -6.34
CA GLY A 40 3.90 -4.65 -7.25
C GLY A 40 3.40 -4.10 -8.57
N SER A 41 2.63 -4.90 -9.28
CA SER A 41 2.25 -4.56 -10.68
C SER A 41 1.43 -3.31 -10.83
N ARG A 42 0.59 -3.00 -9.83
CA ARG A 42 -0.21 -1.75 -9.88
C ARG A 42 0.63 -0.49 -9.65
N ALA A 43 1.82 -0.64 -9.07
CA ALA A 43 2.77 0.48 -8.99
C ALA A 43 3.61 0.54 -10.26
N ARG A 44 4.04 -0.60 -10.77
CA ARG A 44 4.95 -0.64 -11.94
C ARG A 44 4.27 -0.30 -13.27
N GLY A 45 3.05 -0.81 -13.42
CA GLY A 45 2.28 -0.66 -14.65
C GLY A 45 1.95 -1.94 -15.36
N ASP A 46 2.57 -3.06 -14.99
CA ASP A 46 2.38 -4.38 -15.67
C ASP A 46 1.21 -5.20 -15.10
N TYR A 47 0.15 -4.52 -14.69
CA TYR A 47 -1.01 -5.15 -14.10
C TYR A 47 -2.07 -5.47 -15.10
N LEU A 48 -2.92 -6.41 -14.68
CA LEU A 48 -4.10 -6.82 -15.41
C LEU A 48 -5.28 -6.29 -14.63
N ASP A 49 -6.46 -6.31 -15.26
CA ASP A 49 -7.67 -5.91 -14.54
C ASP A 49 -7.96 -6.79 -13.28
N THR A 50 -7.50 -8.04 -13.31
CA THR A 50 -7.67 -8.99 -12.20
C THR A 50 -6.55 -8.97 -11.13
N SER A 51 -5.53 -8.15 -11.34
CA SER A 51 -4.41 -8.10 -10.41
C SER A 51 -4.80 -7.62 -9.03
N ASP A 52 -4.12 -8.17 -8.02
CA ASP A 52 -4.38 -7.65 -6.68
CA ASP A 52 -4.21 -7.73 -6.63
C ASP A 52 -3.69 -6.30 -6.56
N ILE A 53 -3.87 -5.66 -5.41
CA ILE A 53 -3.11 -4.43 -5.12
C ILE A 53 -2.24 -4.79 -3.90
N ASP A 54 -0.98 -4.40 -3.96
CA ASP A 54 0.00 -4.68 -2.91
C ASP A 54 0.31 -3.42 -2.13
N ILE A 55 0.12 -3.50 -0.81
CA ILE A 55 0.23 -2.35 0.07
C ILE A 55 1.35 -2.54 1.05
N LEU A 56 2.28 -1.60 1.08
CA LEU A 56 3.39 -1.58 2.05
C LEU A 56 3.06 -0.57 3.13
N PHE A 57 2.89 -1.05 4.37
CA PHE A 57 2.65 -0.17 5.52
C PHE A 57 4.01 0.06 6.18
N VAL A 58 4.34 1.32 6.43
CA VAL A 58 5.65 1.72 7.02
C VAL A 58 5.38 2.43 8.34
N PHE A 59 5.81 1.82 9.44
CA PHE A 59 5.60 2.31 10.80
C PHE A 59 6.89 2.76 11.45
N LYS A 60 6.79 3.74 12.32
CA LYS A 60 7.94 4.15 13.14
C LYS A 60 8.01 3.24 14.37
N GLY A 61 9.23 2.93 14.80
CA GLY A 61 9.48 2.22 16.05
C GLY A 61 9.07 0.76 16.17
N ILE A 62 9.06 0.02 15.07
CA ILE A 62 8.71 -1.43 15.10
C ILE A 62 9.88 -2.34 14.70
N LYS A 63 11.11 -1.82 14.70
CA LYS A 63 12.29 -2.61 14.34
C LYS A 63 12.38 -3.96 15.07
N GLU A 64 12.02 -3.97 16.34
CA GLU A 64 12.09 -5.19 17.15
C GLU A 64 10.86 -6.06 17.09
N ASN A 66 8.46 -8.74 15.75
CA ASN A 66 8.64 -9.90 14.90
C ASN A 66 7.62 -9.86 13.77
N VAL A 67 7.83 -10.69 12.76
CA VAL A 67 6.93 -10.70 11.59
CA VAL A 67 6.96 -10.76 11.58
C VAL A 67 5.49 -11.10 11.92
N PHE A 68 5.27 -11.90 12.97
CA PHE A 68 3.90 -12.35 13.36
C PHE A 68 3.16 -11.19 14.03
N ASP A 69 3.84 -10.48 14.93
CA ASP A 69 3.29 -9.28 15.54
C ASP A 69 3.00 -8.21 14.49
N ARG A 70 3.89 -8.05 13.52
CA ARG A 70 3.69 -7.07 12.43
C ARG A 70 2.45 -7.41 11.63
N TYR A 72 -0.16 -9.14 12.56
CA TYR A 72 -1.33 -8.99 13.46
C TYR A 72 -1.73 -7.52 13.57
N VAL A 74 -2.04 -5.22 11.23
CA VAL A 74 -2.93 -4.82 10.14
C VAL A 74 -3.90 -5.86 9.63
N SER A 75 -3.69 -7.13 10.00
CA SER A 75 -4.50 -8.26 9.50
C SER A 75 -5.97 -8.02 9.41
N ARG A 76 -6.55 -7.55 10.51
CA ARG A 76 -8.01 -7.35 10.53
C ARG A 76 -8.58 -6.26 9.64
N PHE A 77 -7.73 -5.37 9.15
CA PHE A 77 -8.14 -4.31 8.25
C PHE A 77 -8.09 -4.74 6.79
N ILE A 78 -7.46 -5.88 6.49
CA ILE A 78 -7.26 -6.30 5.13
C ILE A 78 -8.50 -7.03 4.61
N ARG A 79 -8.96 -6.63 3.43
CA ARG A 79 -10.09 -7.26 2.73
C ARG A 79 -9.95 -7.01 1.25
N GLY A 80 -10.69 -7.76 0.45
CA GLY A 80 -10.62 -7.65 -1.00
C GLY A 80 -9.36 -8.31 -1.55
N ASN A 81 -9.05 -8.02 -2.80
CA ASN A 81 -7.96 -8.65 -3.52
C ASN A 81 -6.69 -7.82 -3.24
N VAL A 82 -6.20 -7.98 -2.01
CA VAL A 82 -5.14 -7.16 -1.43
C VAL A 82 -4.09 -8.04 -0.78
N ASP A 83 -2.82 -7.71 -0.98
CA ASP A 83 -1.72 -8.33 -0.21
C ASP A 83 -0.91 -7.20 0.36
N TYR A 84 -0.11 -7.52 1.36
CA TYR A 84 0.62 -6.48 2.07
C TYR A 84 1.94 -6.90 2.67
N ILE A 85 2.70 -5.88 3.04
CA ILE A 85 3.95 -6.04 3.82
C ILE A 85 3.92 -4.94 4.90
N VAL A 86 4.44 -5.25 6.09
CA VAL A 86 4.60 -4.28 7.16
C VAL A 86 6.11 -4.16 7.43
N LEU A 87 6.62 -2.94 7.40
CA LEU A 87 8.06 -2.64 7.60
C LEU A 87 8.22 -1.46 8.53
N ASP A 88 9.38 -1.44 9.17
CA ASP A 88 9.81 -0.28 9.93
C ASP A 88 10.35 0.76 8.94
N GLU A 89 10.32 2.02 9.37
CA GLU A 89 10.91 3.18 8.65
CA GLU A 89 10.91 3.14 8.58
C GLU A 89 12.32 2.90 8.08
N GLY A 90 13.16 2.25 8.87
CA GLY A 90 14.52 1.94 8.49
C GLY A 90 14.68 0.82 7.50
N GLU A 91 13.59 0.09 7.18
CA GLU A 91 13.63 -1.06 6.29
C GLU A 91 12.92 -0.84 4.95
N LYS A 92 12.29 0.31 4.76
CA LYS A 92 11.47 0.54 3.56
C LYS A 92 12.18 0.40 2.19
N ASP A 93 13.50 0.58 2.16
CA ASP A 93 14.29 0.38 0.93
CA ASP A 93 14.29 0.39 0.93
C ASP A 93 14.30 -1.07 0.44
N ARG A 94 13.86 -2.03 1.27
CA ARG A 94 13.78 -3.44 0.88
CA ARG A 94 13.77 -3.45 0.89
C ARG A 94 12.77 -3.71 -0.25
N VAL A 95 11.78 -2.82 -0.41
CA VAL A 95 10.80 -2.90 -1.46
C VAL A 95 11.20 -1.81 -2.44
N LYS A 96 11.61 -2.25 -3.62
N LYS A 96 11.60 -2.17 -3.66
CA LYS A 96 11.97 -1.37 -4.71
CA LYS A 96 12.17 -1.19 -4.60
C LYS A 96 10.71 -1.21 -5.55
C LYS A 96 11.24 -0.37 -5.49
N ASP A 97 10.77 -0.30 -6.50
N ASP A 97 10.42 -1.03 -6.28
CA ASP A 97 9.65 -0.15 -7.39
CA ASP A 97 9.63 -0.32 -7.31
C ASP A 97 8.39 -0.08 -6.55
C ASP A 97 8.25 0.06 -6.80
N LYS A 98 8.21 1.11 -5.98
CA LYS A 98 7.00 1.47 -5.23
C LYS A 98 6.61 2.92 -5.41
N VAL A 99 5.33 3.20 -5.15
CA VAL A 99 4.72 4.51 -5.29
C VAL A 99 4.21 4.99 -3.93
N LEU A 100 4.59 6.21 -3.54
CA LEU A 100 4.10 6.79 -2.29
C LEU A 100 2.59 7.07 -2.43
N PHE A 101 1.85 6.49 -1.51
CA PHE A 101 0.39 6.54 -1.52
C PHE A 101 -0.11 7.49 -0.46
N TRP A 102 0.52 7.47 0.72
CA TRP A 102 0.11 8.25 1.86
C TRP A 102 1.33 8.47 2.74
N LYS A 103 1.31 9.62 3.39
CA LYS A 103 2.34 9.96 4.38
C LYS A 103 1.64 10.78 5.45
N ARG A 104 1.96 10.55 6.71
CA ARG A 104 1.31 11.29 7.77
C ARG A 104 1.29 12.82 7.53
N GLU A 105 2.43 13.39 7.13
CA GLU A 105 2.59 14.83 6.91
C GLU A 105 2.05 15.32 5.55
N LYS A 106 1.59 14.40 4.71
CA LYS A 106 1.02 14.72 3.38
C LYS A 106 -0.43 14.30 3.18
N GLY A 107 -0.97 13.43 4.04
CA GLY A 107 -2.27 12.80 3.72
C GLY A 107 -2.08 11.92 2.49
N PHE A 108 -3.12 11.69 1.73
CA PHE A 108 -3.01 10.89 0.50
C PHE A 108 -2.41 11.68 -0.66
N VAL A 109 -1.58 11.00 -1.44
CA VAL A 109 -0.90 11.60 -2.61
C VAL A 109 -1.87 11.43 -3.79
N LEU A 110 -2.13 12.52 -4.50
CA LEU A 110 -3.07 12.56 -5.65
C LEU A 110 -4.56 12.19 -5.40
N LEU A 111 -4.96 11.98 -4.12
CA LEU A 111 -6.33 11.59 -3.77
C LEU A 111 -6.84 12.45 -2.62
#